data_2EVA
#
_entry.id   2EVA
#
_cell.length_a   58.4
_cell.length_b   144.3
_cell.length_c   134.7
_cell.angle_alpha   90
_cell.angle_beta   90
_cell.angle_gamma   90
#
_symmetry.space_group_name_H-M   'I 2 2 2'
#
loop_
_entity.id
_entity.type
_entity.pdbx_description
1 polymer 'TAK1 kinase - TAB1 chimera fusion protein'
2 non-polymer ADENOSINE
3 water water
#
_entity_poly.entity_id   1
_entity_poly.type   'polypeptide(L)'
_entity_poly.pdbx_seq_one_letter_code
;SLHMIDYKEIEVEEVVGRGAFGVVCKAKWRAKDVAIKQIESESERKAFIVELRQLSRVNHPNIVKLYGACLNPVCLVMEY
AEGGSLYNVLHGAEPLPYYTAAHAMSWCLQCSQGVAYLHSMQPKALIHRDLKPPNLLLVAGGTVLKICDFGTACDIQTHM
TNNKGSAAWMAPEVFEGSNYSEKCDVFSWGIILWEVITRRKPFDEIGGPAFRIMWAVHNGTRPPLIKNLPKPIESLMTRC
WSKDPSQRPSMEEIVKIMTHLMRYFPGADEPLQYPCQHSLPPGEDGRVEPYVDFAEFYRLWSVDHGE
;
_entity_poly.pdbx_strand_id   A
#
# COMPACT_ATOMS: atom_id res chain seq x y z
N SER A 1 12.23 7.66 19.25
CA SER A 1 13.48 8.05 19.95
C SER A 1 14.71 7.64 19.15
N LEU A 2 15.32 8.60 18.44
CA LEU A 2 16.54 8.33 17.69
C LEU A 2 17.04 9.39 16.71
N HIS A 3 18.34 9.26 16.45
CA HIS A 3 19.15 10.08 15.56
C HIS A 3 18.74 11.46 15.08
N MET A 4 19.70 12.36 15.10
CA MET A 4 19.53 13.74 14.66
C MET A 4 20.49 13.94 13.49
N ILE A 5 20.22 14.93 12.66
CA ILE A 5 21.08 15.21 11.50
C ILE A 5 21.08 16.71 11.21
N ASP A 6 22.20 17.22 10.72
CA ASP A 6 22.30 18.63 10.39
C ASP A 6 22.20 18.77 8.87
N TYR A 7 21.25 19.59 8.43
CA TYR A 7 20.98 19.82 7.02
C TYR A 7 22.23 20.01 6.14
N LYS A 8 23.22 20.71 6.66
CA LYS A 8 24.46 20.97 5.92
C LYS A 8 25.23 19.70 5.54
N GLU A 9 24.80 18.55 6.05
CA GLU A 9 25.45 17.28 5.73
C GLU A 9 24.64 16.48 4.72
N ILE A 10 23.57 17.10 4.22
CA ILE A 10 22.66 16.49 3.24
C ILE A 10 22.71 17.20 1.90
N GLU A 11 22.98 16.45 0.83
CA GLU A 11 23.04 17.04 -0.50
C GLU A 11 21.74 16.75 -1.25
N VAL A 12 20.77 17.67 -1.14
CA VAL A 12 19.49 17.51 -1.81
C VAL A 12 19.66 17.37 -3.31
N GLU A 13 18.77 16.62 -3.94
CA GLU A 13 18.80 16.40 -5.39
C GLU A 13 17.40 16.56 -5.98
N GLU A 14 17.11 15.87 -7.07
CA GLU A 14 15.82 16.00 -7.72
C GLU A 14 14.62 15.59 -6.87
N VAL A 15 13.51 16.31 -7.06
CA VAL A 15 12.29 16.00 -6.35
C VAL A 15 11.79 14.67 -6.87
N VAL A 16 11.34 13.82 -5.95
CA VAL A 16 10.84 12.49 -6.30
C VAL A 16 9.34 12.40 -6.05
N GLY A 17 8.74 13.48 -5.55
CA GLY A 17 7.32 13.47 -5.30
C GLY A 17 6.84 14.27 -4.11
N ARG A 18 5.53 14.39 -3.99
CA ARG A 18 4.89 15.11 -2.89
C ARG A 18 3.70 14.30 -2.39
N GLY A 19 3.66 14.03 -1.09
CA GLY A 19 2.57 13.27 -0.51
C GLY A 19 1.57 14.15 0.21
N ALA A 20 1.03 13.66 1.33
CA ALA A 20 0.05 14.39 2.12
C ALA A 20 0.50 15.84 2.40
N PHE A 21 1.73 16.03 2.86
CA PHE A 21 2.21 17.37 3.12
C PHE A 21 3.55 17.79 2.48
N GLY A 22 4.67 17.58 3.17
CA GLY A 22 5.99 17.97 2.63
C GLY A 22 6.31 17.61 1.19
N VAL A 23 7.60 17.62 0.87
CA VAL A 23 8.05 17.27 -0.49
C VAL A 23 9.21 16.26 -0.37
N VAL A 24 9.11 15.14 -1.09
CA VAL A 24 10.16 14.15 -1.02
C VAL A 24 11.15 14.33 -2.15
N CYS A 25 12.43 14.34 -1.82
CA CYS A 25 13.49 14.51 -2.81
C CYS A 25 14.53 13.41 -2.68
N LYS A 26 15.29 13.20 -3.74
CA LYS A 26 16.36 12.21 -3.70
C LYS A 26 17.52 12.97 -3.03
N ALA A 27 18.45 12.27 -2.41
CA ALA A 27 19.56 12.95 -1.75
C ALA A 27 20.67 12.00 -1.31
N LYS A 28 21.73 12.57 -0.73
CA LYS A 28 22.88 11.81 -0.23
C LYS A 28 23.19 12.28 1.18
N TRP A 29 23.71 11.37 2.00
CA TRP A 29 24.05 11.70 3.38
C TRP A 29 25.03 10.68 3.90
N ARG A 30 26.27 11.13 4.13
CA ARG A 30 27.32 10.24 4.60
C ARG A 30 27.63 9.21 3.52
N ALA A 31 27.57 9.66 2.27
CA ALA A 31 27.84 8.82 1.10
C ALA A 31 26.80 7.72 0.89
N LYS A 32 25.68 7.84 1.60
CA LYS A 32 24.58 6.87 1.50
C LYS A 32 23.41 7.55 0.79
N ASP A 33 22.81 6.87 -0.18
CA ASP A 33 21.67 7.44 -0.88
C ASP A 33 20.48 7.46 0.06
N VAL A 34 19.83 8.61 0.12
CA VAL A 34 18.70 8.80 1.00
C VAL A 34 17.55 9.48 0.29
N ALA A 35 16.42 9.59 0.98
CA ALA A 35 15.23 10.24 0.49
C ALA A 35 14.83 11.14 1.65
N ILE A 36 14.46 12.38 1.36
CA ILE A 36 14.08 13.31 2.42
C ILE A 36 12.82 14.09 2.08
N LYS A 37 11.97 14.28 3.08
CA LYS A 37 10.78 15.07 2.88
C LYS A 37 10.90 16.23 3.84
N GLN A 38 10.73 17.45 3.33
CA GLN A 38 10.82 18.67 4.12
C GLN A 38 9.50 19.41 4.05
N ILE A 39 9.34 20.43 4.90
CA ILE A 39 8.10 21.19 4.84
C ILE A 39 8.26 22.31 3.84
N GLU A 40 7.11 22.80 3.37
CA GLU A 40 7.04 23.89 2.42
C GLU A 40 6.10 24.92 3.04
N SER A 41 6.57 25.53 4.13
CA SER A 41 5.84 26.53 4.91
C SER A 41 5.24 25.82 6.11
N GLU A 42 5.41 26.42 7.29
CA GLU A 42 4.87 25.84 8.52
C GLU A 42 3.38 25.59 8.36
N SER A 43 2.85 24.75 9.24
CA SER A 43 1.46 24.31 9.25
C SER A 43 1.67 22.82 9.10
N GLU A 44 2.69 22.49 8.30
CA GLU A 44 3.09 21.12 8.07
C GLU A 44 3.99 20.82 9.25
N ARG A 45 4.28 21.88 10.01
CA ARG A 45 5.11 21.77 11.20
C ARG A 45 4.46 20.84 12.21
N LYS A 46 3.17 21.05 12.48
CA LYS A 46 2.44 20.21 13.41
C LYS A 46 2.47 18.75 12.95
N ALA A 47 2.04 18.51 11.72
CA ALA A 47 1.99 17.17 11.13
C ALA A 47 3.37 16.50 11.12
N PHE A 48 4.40 17.24 10.71
CA PHE A 48 5.75 16.69 10.68
C PHE A 48 6.19 16.20 12.05
N ILE A 49 5.79 16.92 13.09
CA ILE A 49 6.17 16.56 14.45
C ILE A 49 5.50 15.25 14.85
N VAL A 50 4.23 15.09 14.50
CA VAL A 50 3.52 13.87 14.83
C VAL A 50 4.19 12.68 14.15
N GLU A 51 4.56 12.87 12.88
CA GLU A 51 5.24 11.82 12.12
C GLU A 51 6.52 11.40 12.82
N LEU A 52 7.23 12.37 13.37
CA LEU A 52 8.47 12.08 14.07
C LEU A 52 8.20 11.15 15.24
N ARG A 53 7.31 11.57 16.14
CA ARG A 53 7.01 10.78 17.32
C ARG A 53 6.57 9.35 16.94
N GLN A 54 5.72 9.24 15.93
CA GLN A 54 5.25 7.92 15.49
C GLN A 54 6.39 7.11 14.91
N LEU A 55 7.02 7.65 13.87
CA LEU A 55 8.12 6.99 13.18
C LEU A 55 9.28 6.62 14.09
N SER A 56 9.39 7.30 15.23
CA SER A 56 10.47 7.02 16.16
C SER A 56 10.19 5.75 16.97
N ARG A 57 8.90 5.40 17.06
CA ARG A 57 8.46 4.22 17.78
C ARG A 57 8.56 2.95 16.95
N VAL A 58 8.24 3.07 15.66
CA VAL A 58 8.24 1.93 14.75
C VAL A 58 9.59 1.38 14.30
N ASN A 59 9.65 0.06 14.21
CA ASN A 59 10.82 -0.65 13.76
C ASN A 59 10.31 -1.97 13.24
N HIS A 60 10.17 -2.08 11.93
CA HIS A 60 9.66 -3.28 11.32
C HIS A 60 10.20 -3.37 9.90
N PRO A 61 10.40 -4.58 9.38
CA PRO A 61 10.91 -4.86 8.03
C PRO A 61 10.07 -4.27 6.89
N ASN A 62 8.76 -4.14 7.10
CA ASN A 62 7.86 -3.66 6.07
C ASN A 62 7.36 -2.24 6.27
N ILE A 63 8.19 -1.42 6.89
CA ILE A 63 7.86 -0.02 7.11
C ILE A 63 9.15 0.75 6.78
N VAL A 64 9.03 1.82 6.01
CA VAL A 64 10.20 2.60 5.64
C VAL A 64 11.02 3.02 6.86
N LYS A 65 12.31 2.72 6.81
CA LYS A 65 13.20 3.05 7.90
C LYS A 65 13.58 4.53 7.88
N LEU A 66 13.52 5.16 9.04
CA LEU A 66 13.88 6.56 9.20
C LEU A 66 15.32 6.55 9.69
N TYR A 67 16.16 7.44 9.16
CA TYR A 67 17.56 7.51 9.58
C TYR A 67 17.76 8.58 10.64
N GLY A 68 16.96 9.63 10.57
CA GLY A 68 17.07 10.72 11.51
C GLY A 68 16.25 11.89 11.00
N ALA A 69 16.36 13.03 11.66
CA ALA A 69 15.61 14.21 11.24
C ALA A 69 16.43 15.45 11.55
N CYS A 70 15.77 16.59 11.63
CA CYS A 70 16.44 17.86 11.93
C CYS A 70 15.48 19.04 11.85
N LEU A 71 15.61 20.00 12.76
CA LEU A 71 14.72 21.16 12.71
C LEU A 71 15.51 22.36 12.17
N ASN A 72 16.69 22.10 11.58
CA ASN A 72 17.47 23.18 10.98
C ASN A 72 16.43 23.77 10.01
N PRO A 73 15.98 22.96 9.01
CA PRO A 73 14.97 23.47 8.08
C PRO A 73 13.70 22.67 8.43
N VAL A 74 13.94 21.48 9.00
CA VAL A 74 12.96 20.48 9.45
C VAL A 74 12.64 19.49 8.32
N CYS A 75 13.17 18.27 8.46
CA CYS A 75 12.96 17.24 7.46
C CYS A 75 13.28 15.81 7.94
N LEU A 76 12.65 14.84 7.29
CA LEU A 76 12.84 13.43 7.60
C LEU A 76 13.84 12.82 6.63
N VAL A 77 14.81 12.09 7.17
CA VAL A 77 15.83 11.43 6.36
C VAL A 77 15.53 9.93 6.40
N MET A 78 14.82 9.44 5.40
CA MET A 78 14.44 8.03 5.32
C MET A 78 15.30 7.28 4.34
N GLU A 79 15.08 5.98 4.27
CA GLU A 79 15.83 5.15 3.33
C GLU A 79 15.24 5.42 1.96
N TYR A 80 16.07 5.30 0.93
CA TYR A 80 15.60 5.54 -0.43
C TYR A 80 15.07 4.26 -1.08
N ALA A 81 13.79 4.28 -1.43
CA ALA A 81 13.16 3.13 -2.07
C ALA A 81 13.52 3.12 -3.54
N GLU A 82 14.55 2.34 -3.87
CA GLU A 82 15.03 2.23 -5.25
C GLU A 82 13.91 1.79 -6.19
N GLY A 83 13.09 0.84 -5.74
CA GLY A 83 12.01 0.31 -6.55
C GLY A 83 10.86 1.27 -6.84
N GLY A 84 10.83 2.42 -6.17
CA GLY A 84 9.75 3.38 -6.41
C GLY A 84 8.46 3.01 -5.70
N SER A 85 7.36 3.60 -6.14
CA SER A 85 6.07 3.35 -5.53
C SER A 85 5.35 2.16 -6.18
N LEU A 86 4.39 1.57 -5.47
CA LEU A 86 3.62 0.46 -6.02
C LEU A 86 2.68 1.01 -7.10
N TYR A 87 2.30 2.28 -6.95
CA TYR A 87 1.44 2.96 -7.91
C TYR A 87 2.13 3.00 -9.27
N ASN A 88 3.39 3.44 -9.26
CA ASN A 88 4.21 3.53 -10.48
C ASN A 88 4.47 2.15 -11.10
N VAL A 89 4.62 1.12 -10.27
CA VAL A 89 4.84 -0.23 -10.80
C VAL A 89 3.56 -0.67 -11.50
N LEU A 90 2.42 -0.39 -10.87
CA LEU A 90 1.14 -0.80 -11.43
C LEU A 90 0.65 0.07 -12.58
N HIS A 91 0.60 1.37 -12.37
CA HIS A 91 0.07 2.29 -13.39
C HIS A 91 1.07 3.33 -13.93
N GLY A 92 2.35 3.16 -13.63
CA GLY A 92 3.37 4.09 -14.06
C GLY A 92 3.56 4.31 -15.56
N ALA A 93 4.73 4.85 -15.91
CA ALA A 93 5.08 5.17 -17.31
C ALA A 93 5.50 4.03 -18.22
N GLU A 94 5.07 4.14 -19.47
CA GLU A 94 5.33 3.17 -20.56
C GLU A 94 6.00 1.85 -20.20
N PRO A 95 7.35 1.78 -20.17
CA PRO A 95 7.86 0.45 -19.82
C PRO A 95 7.44 0.02 -18.40
N LEU A 96 6.26 -0.60 -18.32
CA LEU A 96 5.71 -1.09 -17.07
C LEU A 96 6.28 -2.48 -16.90
N PRO A 97 6.55 -2.87 -15.65
CA PRO A 97 7.10 -4.21 -15.44
C PRO A 97 6.03 -5.30 -15.43
N TYR A 98 6.45 -6.52 -15.79
CA TYR A 98 5.57 -7.69 -15.77
C TYR A 98 5.67 -8.20 -14.33
N TYR A 99 4.56 -8.64 -13.78
CA TYR A 99 4.56 -9.22 -12.43
C TYR A 99 3.58 -10.37 -12.42
N THR A 100 3.79 -11.30 -11.51
CA THR A 100 2.97 -12.50 -11.43
C THR A 100 1.99 -12.53 -10.26
N ALA A 101 1.19 -13.58 -10.18
CA ALA A 101 0.24 -13.73 -9.08
C ALA A 101 1.01 -13.84 -7.76
N ALA A 102 2.20 -14.44 -7.80
CA ALA A 102 3.03 -14.60 -6.61
C ALA A 102 3.49 -13.24 -6.07
N HIS A 103 3.81 -12.33 -6.98
CA HIS A 103 4.22 -10.97 -6.62
C HIS A 103 3.06 -10.25 -5.97
N ALA A 104 1.92 -10.27 -6.64
CA ALA A 104 0.73 -9.62 -6.14
C ALA A 104 0.36 -10.10 -4.73
N MET A 105 0.32 -11.41 -4.53
CA MET A 105 0.00 -11.95 -3.23
C MET A 105 1.07 -11.60 -2.20
N SER A 106 2.33 -11.64 -2.62
CA SER A 106 3.45 -11.33 -1.74
C SER A 106 3.42 -9.87 -1.27
N TRP A 107 3.15 -8.95 -2.19
CA TRP A 107 3.08 -7.54 -1.84
C TRP A 107 1.98 -7.30 -0.79
N CYS A 108 0.84 -7.95 -0.98
CA CYS A 108 -0.30 -7.82 -0.07
C CYS A 108 -0.02 -8.44 1.29
N LEU A 109 0.67 -9.57 1.30
CA LEU A 109 1.01 -10.21 2.55
C LEU A 109 1.96 -9.30 3.33
N GLN A 110 2.96 -8.74 2.66
CA GLN A 110 3.92 -7.85 3.31
C GLN A 110 3.26 -6.57 3.79
N CYS A 111 2.24 -6.12 3.08
CA CYS A 111 1.52 -4.91 3.48
C CYS A 111 0.79 -5.19 4.77
N SER A 112 0.09 -6.32 4.83
CA SER A 112 -0.66 -6.69 6.02
C SER A 112 0.25 -6.92 7.23
N GLN A 113 1.47 -7.41 7.00
CA GLN A 113 2.44 -7.63 8.07
C GLN A 113 2.86 -6.31 8.70
N GLY A 114 3.11 -5.32 7.85
CA GLY A 114 3.50 -4.02 8.34
C GLY A 114 2.35 -3.35 9.07
N VAL A 115 1.15 -3.50 8.54
CA VAL A 115 0.00 -2.89 9.17
C VAL A 115 -0.40 -3.62 10.46
N ALA A 116 -0.22 -4.94 10.49
CA ALA A 116 -0.55 -5.70 11.68
C ALA A 116 0.39 -5.28 12.82
N TYR A 117 1.60 -4.85 12.48
CA TYR A 117 2.56 -4.41 13.47
C TYR A 117 2.13 -3.08 14.08
N LEU A 118 1.57 -2.21 13.24
CA LEU A 118 1.09 -0.90 13.69
C LEU A 118 -0.11 -1.09 14.61
N HIS A 119 -1.03 -1.95 14.18
CA HIS A 119 -2.23 -2.24 14.95
C HIS A 119 -1.93 -2.89 16.29
N SER A 120 -0.76 -3.48 16.43
CA SER A 120 -0.41 -4.16 17.68
C SER A 120 0.48 -3.32 18.58
N MET A 121 0.69 -2.07 18.22
CA MET A 121 1.53 -1.17 19.01
C MET A 121 1.00 -0.99 20.43
N GLN A 122 1.92 -0.68 21.35
CA GLN A 122 1.62 -0.43 22.77
C GLN A 122 2.38 0.87 23.14
N PRO A 123 1.78 1.75 23.98
CA PRO A 123 0.49 1.75 24.68
C PRO A 123 -0.75 1.55 23.81
N LYS A 124 -0.85 2.28 22.71
CA LYS A 124 -2.01 2.10 21.85
C LYS A 124 -1.66 1.96 20.37
N ALA A 125 -2.53 1.25 19.66
CA ALA A 125 -2.36 0.99 18.23
C ALA A 125 -2.32 2.21 17.34
N LEU A 126 -1.47 2.16 16.32
CA LEU A 126 -1.38 3.25 15.37
C LEU A 126 -2.20 2.82 14.17
N ILE A 127 -3.08 3.68 13.70
CA ILE A 127 -3.85 3.35 12.52
C ILE A 127 -3.12 4.06 11.38
N HIS A 128 -3.06 3.45 10.20
CA HIS A 128 -2.38 4.12 9.09
C HIS A 128 -3.31 5.19 8.52
N ARG A 129 -4.56 4.82 8.24
CA ARG A 129 -5.56 5.75 7.75
C ARG A 129 -5.43 6.14 6.29
N ASP A 130 -4.28 5.92 5.68
CA ASP A 130 -4.12 6.29 4.28
C ASP A 130 -3.43 5.24 3.41
N LEU A 131 -3.86 3.98 3.55
CA LEU A 131 -3.27 2.90 2.76
C LEU A 131 -3.72 2.95 1.30
N LYS A 132 -2.75 3.09 0.42
CA LYS A 132 -3.02 3.12 -1.01
C LYS A 132 -1.66 2.95 -1.68
N PRO A 133 -1.67 2.50 -2.94
CA PRO A 133 -0.43 2.29 -3.70
C PRO A 133 0.63 3.42 -3.67
N PRO A 134 0.21 4.70 -3.75
CA PRO A 134 1.22 5.78 -3.73
C PRO A 134 2.04 5.76 -2.42
N ASN A 135 1.49 5.13 -1.41
CA ASN A 135 2.14 5.05 -0.10
C ASN A 135 2.79 3.70 0.19
N LEU A 136 2.96 2.89 -0.84
CA LEU A 136 3.60 1.59 -0.69
C LEU A 136 4.84 1.64 -1.57
N LEU A 137 5.99 1.40 -0.98
CA LEU A 137 7.24 1.47 -1.73
C LEU A 137 7.85 0.09 -1.92
N LEU A 138 8.61 -0.08 -3.01
CA LEU A 138 9.26 -1.34 -3.33
C LEU A 138 10.77 -1.23 -3.31
N VAL A 139 11.43 -2.28 -2.84
CA VAL A 139 12.88 -2.35 -2.81
C VAL A 139 13.27 -3.80 -3.14
N ALA A 140 14.57 -4.07 -3.16
CA ALA A 140 15.08 -5.40 -3.45
C ALA A 140 14.58 -5.97 -4.78
N GLY A 141 14.56 -5.14 -5.82
CA GLY A 141 14.11 -5.60 -7.13
C GLY A 141 12.60 -5.64 -7.26
N GLY A 142 11.90 -4.84 -6.45
CA GLY A 142 10.45 -4.81 -6.47
C GLY A 142 9.91 -6.02 -5.74
N THR A 143 10.81 -6.68 -5.03
CA THR A 143 10.51 -7.89 -4.27
C THR A 143 10.02 -7.67 -2.83
N VAL A 144 10.57 -6.65 -2.18
CA VAL A 144 10.21 -6.33 -0.80
C VAL A 144 9.39 -5.04 -0.73
N LEU A 145 8.29 -5.09 0.01
CA LEU A 145 7.40 -3.94 0.13
C LEU A 145 7.46 -3.29 1.51
N LYS A 146 7.36 -1.96 1.53
CA LYS A 146 7.39 -1.17 2.75
C LYS A 146 6.34 -0.08 2.71
N ILE A 147 5.79 0.20 3.87
CA ILE A 147 4.75 1.21 4.03
C ILE A 147 5.37 2.53 4.50
N CYS A 148 4.80 3.63 4.03
CA CYS A 148 5.27 4.95 4.43
C CYS A 148 4.09 5.92 4.52
N ASP A 149 4.39 7.18 4.83
CA ASP A 149 3.39 8.23 4.96
C ASP A 149 2.09 7.85 5.67
N PHE A 150 2.14 7.71 6.99
CA PHE A 150 0.93 7.39 7.75
C PHE A 150 -0.05 8.59 7.65
N GLY A 151 -1.36 8.32 7.57
CA GLY A 151 -2.34 9.39 7.49
C GLY A 151 -2.28 10.26 8.74
N THR A 152 -1.84 9.63 9.83
CA THR A 152 -1.66 10.23 11.14
C THR A 152 -1.16 9.11 12.05
N GLY A 165 -4.72 10.38 -0.17
CA GLY A 165 -5.44 9.19 0.25
C GLY A 165 -6.84 9.06 -0.30
N SER A 166 -7.01 9.43 -1.57
CA SER A 166 -8.28 9.39 -2.28
C SER A 166 -9.40 8.51 -1.69
N ALA A 167 -10.63 8.90 -2.01
CA ALA A 167 -11.82 8.21 -1.53
C ALA A 167 -11.97 6.78 -2.06
N ALA A 168 -11.14 6.42 -3.04
CA ALA A 168 -11.20 5.09 -3.64
C ALA A 168 -10.72 3.97 -2.72
N TRP A 169 -9.96 4.31 -1.69
CA TRP A 169 -9.46 3.31 -0.74
C TRP A 169 -9.98 3.52 0.68
N MET A 170 -10.79 4.54 0.89
CA MET A 170 -11.33 4.82 2.22
C MET A 170 -12.54 4.01 2.60
N ALA A 171 -12.60 3.63 3.88
CA ALA A 171 -13.73 2.87 4.38
C ALA A 171 -14.87 3.87 4.51
N PRO A 172 -16.09 3.48 4.12
CA PRO A 172 -17.22 4.41 4.20
C PRO A 172 -17.44 5.12 5.55
N GLU A 173 -17.20 4.43 6.67
CA GLU A 173 -17.41 5.06 7.97
C GLU A 173 -16.43 6.20 8.19
N VAL A 174 -15.41 6.28 7.35
CA VAL A 174 -14.46 7.36 7.51
C VAL A 174 -14.98 8.65 6.86
N PHE A 175 -15.56 8.58 5.66
CA PHE A 175 -16.06 9.84 5.07
C PHE A 175 -17.22 10.32 5.91
N GLU A 176 -18.14 9.42 6.23
CA GLU A 176 -19.30 9.82 7.01
C GLU A 176 -18.94 10.37 8.39
N GLY A 177 -17.70 10.84 8.50
CA GLY A 177 -17.21 11.45 9.73
C GLY A 177 -17.16 10.53 10.94
N SER A 178 -18.21 9.74 11.11
CA SER A 178 -18.34 8.80 12.23
C SER A 178 -17.04 8.14 12.70
N ASN A 179 -17.08 7.66 13.93
CA ASN A 179 -15.94 6.99 14.56
C ASN A 179 -15.47 5.82 13.70
N TYR A 180 -14.25 5.38 13.94
CA TYR A 180 -13.71 4.27 13.18
C TYR A 180 -12.51 3.67 13.91
N SER A 181 -12.13 2.45 13.52
CA SER A 181 -11.03 1.73 14.16
C SER A 181 -9.97 1.32 13.15
N GLU A 182 -9.11 0.38 13.54
CA GLU A 182 -8.07 -0.13 12.67
C GLU A 182 -8.71 -0.89 11.52
N LYS A 183 -10.01 -1.15 11.64
CA LYS A 183 -10.76 -1.87 10.62
C LYS A 183 -10.89 -1.05 9.35
N CYS A 184 -10.58 0.24 9.44
CA CYS A 184 -10.65 1.10 8.26
C CYS A 184 -9.44 0.76 7.37
N ASP A 185 -8.33 0.33 7.98
CA ASP A 185 -7.13 -0.05 7.25
C ASP A 185 -7.35 -1.38 6.55
N VAL A 186 -8.21 -2.22 7.13
CA VAL A 186 -8.52 -3.53 6.55
C VAL A 186 -9.36 -3.37 5.29
N PHE A 187 -10.19 -2.33 5.26
CA PHE A 187 -11.00 -2.05 4.10
C PHE A 187 -10.10 -1.62 2.93
N SER A 188 -9.13 -0.74 3.21
CA SER A 188 -8.19 -0.24 2.22
C SER A 188 -7.37 -1.40 1.65
N TRP A 189 -7.02 -2.33 2.54
CA TRP A 189 -6.23 -3.51 2.15
C TRP A 189 -6.99 -4.31 1.11
N GLY A 190 -8.29 -4.49 1.34
CA GLY A 190 -9.12 -5.23 0.41
C GLY A 190 -9.13 -4.62 -0.99
N ILE A 191 -9.21 -3.30 -1.06
CA ILE A 191 -9.22 -2.57 -2.33
C ILE A 191 -7.85 -2.70 -3.00
N ILE A 192 -6.76 -2.63 -2.24
CA ILE A 192 -5.44 -2.78 -2.83
C ILE A 192 -5.23 -4.18 -3.42
N LEU A 193 -5.83 -5.19 -2.79
CA LEU A 193 -5.73 -6.58 -3.25
C LEU A 193 -6.43 -6.73 -4.62
N TRP A 194 -7.62 -6.12 -4.74
CA TRP A 194 -8.37 -6.15 -5.98
C TRP A 194 -7.50 -5.46 -7.03
N GLU A 195 -6.94 -4.34 -6.64
CA GLU A 195 -6.10 -3.55 -7.53
C GLU A 195 -4.83 -4.22 -8.04
N VAL A 196 -4.11 -4.98 -7.21
CA VAL A 196 -2.89 -5.62 -7.72
C VAL A 196 -3.19 -6.87 -8.57
N ILE A 197 -4.36 -7.48 -8.33
CA ILE A 197 -4.77 -8.67 -9.07
C ILE A 197 -5.29 -8.31 -10.47
N THR A 198 -6.02 -7.19 -10.56
CA THR A 198 -6.60 -6.75 -11.83
C THR A 198 -5.72 -5.72 -12.53
N ARG A 199 -4.85 -5.05 -11.78
CA ARG A 199 -3.98 -4.01 -12.31
C ARG A 199 -4.84 -2.92 -12.98
N ARG A 200 -5.91 -2.55 -12.27
CA ARG A 200 -6.86 -1.51 -12.68
C ARG A 200 -6.96 -0.55 -11.52
N LYS A 201 -7.24 0.71 -11.82
CA LYS A 201 -7.41 1.70 -10.78
C LYS A 201 -8.85 1.57 -10.30
N PRO A 202 -9.06 1.44 -8.98
CA PRO A 202 -10.42 1.30 -8.46
C PRO A 202 -11.28 2.54 -8.72
N PHE A 203 -12.53 2.30 -9.15
CA PHE A 203 -13.50 3.35 -9.45
C PHE A 203 -12.98 4.42 -10.41
N ASP A 204 -12.18 3.99 -11.37
CA ASP A 204 -11.61 4.90 -12.36
C ASP A 204 -12.73 5.29 -13.32
N GLU A 205 -13.75 4.44 -13.37
CA GLU A 205 -14.92 4.63 -14.23
C GLU A 205 -16.01 5.51 -13.60
N ILE A 206 -15.66 6.23 -12.53
CA ILE A 206 -16.60 7.12 -11.85
C ILE A 206 -16.05 8.52 -12.07
N GLY A 207 -14.82 8.73 -11.63
CA GLY A 207 -14.20 10.04 -11.79
C GLY A 207 -15.03 11.22 -11.33
N GLY A 208 -14.65 12.41 -11.78
CA GLY A 208 -15.36 13.61 -11.39
C GLY A 208 -14.84 13.97 -10.02
N PRO A 209 -15.58 14.77 -9.23
CA PRO A 209 -15.10 15.13 -7.88
C PRO A 209 -15.14 13.90 -6.95
N ALA A 210 -14.31 13.93 -5.92
CA ALA A 210 -14.23 12.82 -4.96
C ALA A 210 -15.57 12.41 -4.37
N PHE A 211 -16.45 13.38 -4.16
CA PHE A 211 -17.76 13.11 -3.57
C PHE A 211 -18.62 12.12 -4.36
N ARG A 212 -18.32 11.92 -5.64
CA ARG A 212 -19.10 10.98 -6.45
C ARG A 212 -18.69 9.54 -6.11
N ILE A 213 -17.43 9.35 -5.69
CA ILE A 213 -16.93 8.04 -5.31
C ILE A 213 -17.46 7.73 -3.92
N MET A 214 -17.37 8.71 -3.03
CA MET A 214 -17.86 8.57 -1.66
C MET A 214 -19.32 8.16 -1.64
N TRP A 215 -20.09 8.74 -2.55
CA TRP A 215 -21.50 8.43 -2.63
C TRP A 215 -21.72 7.01 -3.08
N ALA A 216 -21.01 6.61 -4.13
CA ALA A 216 -21.12 5.25 -4.66
C ALA A 216 -20.75 4.20 -3.59
N VAL A 217 -19.58 4.35 -2.98
CA VAL A 217 -19.10 3.44 -1.94
C VAL A 217 -20.01 3.41 -0.72
N HIS A 218 -20.54 4.59 -0.36
CA HIS A 218 -21.43 4.73 0.78
C HIS A 218 -22.76 3.97 0.58
N ASN A 219 -23.19 3.82 -0.67
CA ASN A 219 -24.42 3.10 -0.97
C ASN A 219 -24.17 1.61 -1.27
N GLY A 220 -22.96 1.14 -0.96
CA GLY A 220 -22.65 -0.26 -1.18
C GLY A 220 -21.91 -0.67 -2.44
N THR A 221 -21.44 0.29 -3.22
CA THR A 221 -20.72 -0.02 -4.44
C THR A 221 -19.28 -0.43 -4.13
N ARG A 222 -18.86 -1.52 -4.75
CA ARG A 222 -17.49 -2.05 -4.59
C ARG A 222 -16.93 -2.36 -5.97
N PRO A 223 -15.60 -2.57 -6.07
CA PRO A 223 -14.98 -2.88 -7.36
C PRO A 223 -15.60 -4.15 -7.96
N PRO A 224 -15.75 -4.23 -9.29
CA PRO A 224 -16.35 -5.40 -9.94
C PRO A 224 -15.68 -6.72 -9.61
N LEU A 225 -16.48 -7.78 -9.62
CA LEU A 225 -15.95 -9.12 -9.32
C LEU A 225 -14.90 -9.49 -10.35
N ILE A 226 -13.98 -10.36 -9.96
CA ILE A 226 -12.91 -10.80 -10.86
C ILE A 226 -13.25 -12.17 -11.43
N LYS A 227 -13.09 -12.32 -12.74
CA LYS A 227 -13.39 -13.58 -13.39
C LYS A 227 -12.40 -14.68 -13.03
N ASN A 228 -12.92 -15.80 -12.53
CA ASN A 228 -12.10 -16.96 -12.15
C ASN A 228 -11.17 -16.81 -10.94
N LEU A 229 -11.46 -15.85 -10.07
CA LEU A 229 -10.64 -15.64 -8.87
C LEU A 229 -10.89 -16.81 -7.92
N PRO A 230 -9.85 -17.31 -7.23
CA PRO A 230 -10.00 -18.42 -6.29
C PRO A 230 -10.97 -18.08 -5.16
N LYS A 231 -11.93 -18.96 -4.90
CA LYS A 231 -12.92 -18.74 -3.84
C LYS A 231 -12.32 -18.29 -2.52
N PRO A 232 -11.23 -18.95 -2.05
CA PRO A 232 -10.63 -18.51 -0.78
C PRO A 232 -10.11 -17.07 -0.79
N ILE A 233 -9.71 -16.57 -1.94
CA ILE A 233 -9.20 -15.20 -2.06
C ILE A 233 -10.37 -14.23 -2.23
N GLU A 234 -11.39 -14.65 -2.96
CA GLU A 234 -12.55 -13.80 -3.16
C GLU A 234 -13.25 -13.53 -1.84
N SER A 235 -13.46 -14.57 -1.04
CA SER A 235 -14.14 -14.42 0.25
C SER A 235 -13.36 -13.53 1.21
N LEU A 236 -12.03 -13.61 1.17
CA LEU A 236 -11.22 -12.77 2.03
C LEU A 236 -11.31 -11.32 1.61
N MET A 237 -11.34 -11.11 0.30
CA MET A 237 -11.41 -9.78 -0.28
C MET A 237 -12.72 -9.08 0.03
N THR A 238 -13.83 -9.79 -0.14
CA THR A 238 -15.14 -9.21 0.09
C THR A 238 -15.46 -9.02 1.57
N ARG A 239 -14.83 -9.81 2.44
CA ARG A 239 -15.06 -9.65 3.88
C ARG A 239 -14.43 -8.34 4.32
N CYS A 240 -13.27 -8.01 3.74
CA CYS A 240 -12.60 -6.76 4.06
C CYS A 240 -13.43 -5.55 3.62
N TRP A 241 -14.29 -5.73 2.61
CA TRP A 241 -15.14 -4.67 2.08
C TRP A 241 -16.45 -4.48 2.81
N SER A 242 -16.71 -5.34 3.80
CA SER A 242 -17.94 -5.25 4.58
C SER A 242 -18.28 -3.82 5.04
N LYS A 243 -19.54 -3.43 4.88
CA LYS A 243 -19.97 -2.11 5.33
C LYS A 243 -19.72 -2.06 6.83
N ASP A 244 -20.13 -3.11 7.52
CA ASP A 244 -19.97 -3.22 8.96
C ASP A 244 -18.53 -3.54 9.35
N PRO A 245 -17.83 -2.57 9.97
CA PRO A 245 -16.44 -2.72 10.41
C PRO A 245 -16.14 -3.97 11.25
N SER A 246 -17.06 -4.31 12.16
CA SER A 246 -16.88 -5.47 13.02
C SER A 246 -16.84 -6.79 12.23
N GLN A 247 -17.45 -6.81 11.05
CA GLN A 247 -17.46 -8.01 10.23
C GLN A 247 -16.17 -8.23 9.40
N ARG A 248 -15.31 -7.21 9.36
CA ARG A 248 -14.05 -7.34 8.62
C ARG A 248 -13.05 -8.13 9.47
N PRO A 249 -12.17 -8.93 8.83
CA PRO A 249 -11.19 -9.68 9.63
C PRO A 249 -10.14 -8.72 10.22
N SER A 250 -9.41 -9.16 11.24
CA SER A 250 -8.37 -8.32 11.84
C SER A 250 -7.13 -8.41 10.95
N MET A 251 -6.26 -7.41 11.00
CA MET A 251 -5.08 -7.47 10.16
C MET A 251 -4.25 -8.71 10.52
N GLU A 252 -4.27 -9.14 11.79
CA GLU A 252 -3.54 -10.35 12.20
C GLU A 252 -4.07 -11.59 11.51
N GLU A 253 -5.39 -11.69 11.38
CA GLU A 253 -5.96 -12.86 10.71
C GLU A 253 -5.61 -12.83 9.24
N ILE A 254 -5.59 -11.64 8.63
CA ILE A 254 -5.23 -11.53 7.21
C ILE A 254 -3.79 -12.04 7.02
N VAL A 255 -2.88 -11.67 7.91
CA VAL A 255 -1.51 -12.13 7.82
C VAL A 255 -1.46 -13.66 7.84
N LYS A 256 -2.16 -14.28 8.79
CA LYS A 256 -2.19 -15.74 8.87
C LYS A 256 -2.76 -16.38 7.61
N ILE A 257 -3.86 -15.83 7.11
CA ILE A 257 -4.47 -16.38 5.92
C ILE A 257 -3.58 -16.23 4.69
N MET A 258 -3.07 -15.02 4.48
CA MET A 258 -2.20 -14.78 3.34
C MET A 258 -0.93 -15.61 3.42
N THR A 259 -0.40 -15.79 4.63
CA THR A 259 0.80 -16.61 4.78
C THR A 259 0.54 -18.05 4.33
N HIS A 260 -0.63 -18.60 4.67
CA HIS A 260 -0.97 -19.98 4.28
C HIS A 260 -1.21 -20.12 2.78
N LEU A 261 -1.76 -19.08 2.16
CA LEU A 261 -2.02 -19.10 0.73
C LEU A 261 -0.73 -18.98 -0.06
N MET A 262 0.28 -18.33 0.52
CA MET A 262 1.54 -18.16 -0.18
C MET A 262 2.18 -19.48 -0.56
N ARG A 263 1.73 -20.56 0.07
CA ARG A 263 2.25 -21.89 -0.19
C ARG A 263 1.92 -22.33 -1.64
N TYR A 264 0.89 -21.72 -2.20
CA TYR A 264 0.43 -22.00 -3.55
C TYR A 264 0.82 -20.89 -4.51
N PHE A 265 1.74 -20.03 -4.07
CA PHE A 265 2.22 -18.93 -4.87
C PHE A 265 3.71 -18.82 -4.79
N PRO A 266 4.44 -19.82 -5.33
CA PRO A 266 5.91 -19.81 -5.32
C PRO A 266 6.47 -18.84 -6.38
N GLY A 267 7.62 -18.23 -6.08
CA GLY A 267 8.23 -17.32 -7.02
C GLY A 267 8.13 -15.83 -6.68
N ALA A 268 7.82 -15.51 -5.44
CA ALA A 268 7.71 -14.11 -5.01
C ALA A 268 9.07 -13.45 -4.88
N ASP A 269 10.13 -14.26 -4.84
CA ASP A 269 11.50 -13.78 -4.71
C ASP A 269 12.15 -13.29 -6.01
N GLU A 270 11.52 -13.59 -7.14
CA GLU A 270 12.03 -13.18 -8.44
C GLU A 270 11.89 -11.68 -8.65
N PRO A 271 12.96 -11.01 -9.07
CA PRO A 271 12.88 -9.56 -9.29
C PRO A 271 12.10 -9.20 -10.53
N LEU A 272 11.55 -7.99 -10.53
CA LEU A 272 10.80 -7.49 -11.67
C LEU A 272 11.87 -7.10 -12.70
N GLN A 273 11.87 -7.78 -13.84
CA GLN A 273 12.88 -7.51 -14.86
C GLN A 273 12.40 -7.58 -16.30
N TYR A 274 11.14 -7.93 -16.51
CA TYR A 274 10.59 -7.99 -17.87
C TYR A 274 9.64 -6.84 -18.07
N PRO A 275 9.71 -6.19 -19.24
CA PRO A 275 8.83 -5.05 -19.53
C PRO A 275 7.60 -5.63 -20.20
N CYS A 276 6.41 -5.21 -19.79
CA CYS A 276 5.24 -5.77 -20.44
C CYS A 276 4.48 -4.68 -21.16
N GLN A 277 3.76 -5.07 -22.19
CA GLN A 277 2.97 -4.15 -22.99
C GLN A 277 1.51 -4.35 -22.57
N HIS A 278 1.17 -3.90 -21.35
CA HIS A 278 -0.16 -4.05 -20.78
C HIS A 278 -1.28 -3.35 -21.55
N SER A 279 -2.26 -4.16 -21.99
CA SER A 279 -3.42 -3.66 -22.72
C SER A 279 -4.41 -2.94 -21.80
N LEU A 280 -5.49 -3.63 -21.42
CA LEU A 280 -6.56 -3.14 -20.53
C LEU A 280 -7.87 -2.78 -21.24
N PRO A 281 -8.73 -3.79 -21.48
CA PRO A 281 -10.03 -3.65 -22.13
C PRO A 281 -11.18 -3.55 -21.12
N PRO A 282 -11.59 -2.32 -20.72
CA PRO A 282 -12.67 -2.10 -19.75
C PRO A 282 -14.04 -2.74 -20.07
N GLY A 283 -14.82 -2.04 -20.91
CA GLY A 283 -16.14 -2.52 -21.31
C GLY A 283 -16.99 -3.09 -20.19
N GLU A 284 -17.28 -2.26 -19.18
CA GLU A 284 -18.07 -2.63 -18.00
C GLU A 284 -19.05 -3.81 -18.15
N ASP A 285 -18.52 -5.03 -18.21
CA ASP A 285 -19.37 -6.22 -18.34
C ASP A 285 -19.93 -6.44 -16.95
N GLY A 286 -20.04 -7.70 -16.56
CA GLY A 286 -20.54 -8.01 -15.23
C GLY A 286 -19.40 -8.71 -14.50
N ARG A 287 -18.18 -8.18 -14.68
CA ARG A 287 -16.97 -8.73 -14.09
C ARG A 287 -15.76 -8.18 -14.83
N VAL A 288 -14.57 -8.46 -14.32
CA VAL A 288 -13.31 -8.03 -14.95
C VAL A 288 -12.35 -9.20 -14.91
N GLU A 289 -11.43 -9.24 -15.87
CA GLU A 289 -10.46 -10.32 -15.91
C GLU A 289 -9.25 -9.96 -15.07
N PRO A 290 -8.63 -10.96 -14.45
CA PRO A 290 -7.47 -10.63 -13.64
C PRO A 290 -6.26 -10.38 -14.54
N TYR A 291 -5.32 -9.57 -14.08
CA TYR A 291 -4.10 -9.32 -14.84
C TYR A 291 -3.20 -10.53 -14.61
N VAL A 292 -3.16 -10.98 -13.37
CA VAL A 292 -2.33 -12.12 -13.00
C VAL A 292 -3.03 -13.42 -13.37
N ASP A 293 -2.25 -14.49 -13.45
CA ASP A 293 -2.78 -15.81 -13.82
C ASP A 293 -2.88 -16.74 -12.59
N PHE A 294 -4.03 -17.37 -12.41
CA PHE A 294 -4.24 -18.29 -11.27
C PHE A 294 -4.22 -19.76 -11.66
N ALA A 295 -3.79 -20.08 -12.88
CA ALA A 295 -3.75 -21.46 -13.34
C ALA A 295 -2.75 -22.33 -12.54
N GLU A 296 -1.64 -21.76 -12.10
CA GLU A 296 -0.66 -22.51 -11.33
C GLU A 296 -1.18 -22.74 -9.89
N PHE A 297 -1.92 -21.76 -9.36
CA PHE A 297 -2.50 -21.85 -8.02
C PHE A 297 -3.42 -23.07 -7.92
N TYR A 298 -4.37 -23.14 -8.85
CA TYR A 298 -5.33 -24.23 -8.92
C TYR A 298 -4.67 -25.58 -9.06
N ARG A 299 -3.58 -25.64 -9.83
CA ARG A 299 -2.85 -26.89 -10.04
C ARG A 299 -2.14 -27.34 -8.76
N LEU A 300 -1.49 -26.41 -8.07
CA LEU A 300 -0.78 -26.69 -6.83
C LEU A 300 -1.75 -26.96 -5.69
N TRP A 301 -2.89 -26.28 -5.73
CA TRP A 301 -3.95 -26.44 -4.73
C TRP A 301 -4.50 -27.85 -4.90
N SER A 302 -4.88 -28.18 -6.14
CA SER A 302 -5.42 -29.48 -6.51
C SER A 302 -4.51 -30.63 -6.06
N VAL A 303 -3.20 -30.42 -6.16
CA VAL A 303 -2.24 -31.43 -5.75
C VAL A 303 -2.32 -31.70 -4.24
N ASP A 304 -2.53 -30.66 -3.45
CA ASP A 304 -2.63 -30.80 -1.98
C ASP A 304 -4.00 -31.28 -1.48
N HIS A 305 -5.03 -31.06 -2.27
CA HIS A 305 -6.38 -31.46 -1.89
C HIS A 305 -6.87 -32.53 -2.85
N GLY A 306 -7.95 -32.21 -3.57
CA GLY A 306 -8.52 -33.14 -4.55
C GLY A 306 -8.64 -32.48 -5.92
N GLU A 307 -8.76 -31.15 -5.89
CA GLU A 307 -8.88 -30.29 -7.08
C GLU A 307 -9.44 -28.93 -6.69
#